data_5LNJ
#
_entry.id   5LNJ
#
_cell.length_a   57.620
_cell.length_b   83.460
_cell.length_c   156.870
_cell.angle_alpha   90.000
_cell.angle_beta   90.000
_cell.angle_gamma   90.000
#
_symmetry.space_group_name_H-M   'I 2 2 2'
#
loop_
_entity.id
_entity.type
_entity.pdbx_description
1 polymer 'NADH:flavin oxidoreductase'
2 non-polymer 1-DEOXY-1-(7,8-DIMETHYL-2,4-DIOXO-3,4-DIHYDRO-2H-BENZO[G]PTERIDIN-1-ID-10(5H)-YL)-5-O-PHOSPHONATO-D-RIBITOL
3 non-polymer 7-hydroxy-2H-chromen-2-one
4 non-polymer 'SULFATE ION'
5 water water
#
_entity_poly.entity_id   1
_entity_poly.type   'polypeptide(L)'
_entity_poly.pdbx_seq_one_letter_code
;SALFEPYTLKDVTLRNRIAIPPMCQYMAEDGMINDWHHVHLAGLARGGAGLLVVEATAVAPEGRITPGCAGIWSDAHAQA
FVPVVQAIKAAGSVPGIQIAHAGRKASANRPWEGDDHIAADDTRGWETIAPSAIAFGAHLPKVPREMTLDDIARVKQDFV
DAARRARDAGFEWIELHFAHGFLGQSFFSEHSNKRTDAYGGSFDNRSRFLLETLAAVREVWPENLPLTARFGVLEYDGRD
EQTLEESIELARRFKAGGLDLLSVSVGFTIPDTNIPWGPAFMGPIAERVRREAKLPVTSAWGFGTPQLAEAALQANQLDL
VSVGRAHLADPHWAYFAAKELGVEKASWTLPAPYAHWLER
;
_entity_poly.pdbx_strand_id   A
#
loop_
_chem_comp.id
_chem_comp.type
_chem_comp.name
_chem_comp.formula
07L non-polymer 7-hydroxy-2H-chromen-2-one 'C9 H6 O3'
FNR non-polymer 1-DEOXY-1-(7,8-DIMETHYL-2,4-DIOXO-3,4-DIHYDRO-2H-BENZO[G]PTERIDIN-1-ID-10(5H)-YL)-5-O-PHOSPHONATO-D-RIBITOL 'C17 H23 N4 O9 P'
SO4 non-polymer 'SULFATE ION' 'O4 S -2'
#
# COMPACT_ATOMS: atom_id res chain seq x y z
N SER A 1 -25.11 5.00 7.52
CA SER A 1 -23.97 4.12 7.76
CA SER A 1 -23.96 4.10 7.66
C SER A 1 -22.66 4.88 7.63
N ALA A 2 -21.74 4.60 8.55
CA ALA A 2 -20.41 5.23 8.51
C ALA A 2 -19.65 4.88 7.24
N LEU A 3 -19.83 3.65 6.77
CA LEU A 3 -19.08 3.17 5.62
C LEU A 3 -19.37 4.00 4.37
N PHE A 4 -20.56 4.58 4.29
CA PHE A 4 -20.98 5.34 3.13
C PHE A 4 -20.98 6.85 3.33
N GLU A 5 -20.33 7.32 4.40
N GLU A 5 -20.31 7.31 4.39
CA GLU A 5 -20.08 8.74 4.55
CA GLU A 5 -20.06 8.72 4.57
C GLU A 5 -18.87 9.16 3.74
C GLU A 5 -18.87 9.14 3.71
N PRO A 6 -18.94 10.31 3.05
CA PRO A 6 -17.78 10.81 2.32
CA PRO A 6 -17.77 10.78 2.32
C PRO A 6 -16.60 11.14 3.24
N TYR A 7 -15.43 11.26 2.64
CA TYR A 7 -14.22 11.59 3.37
C TYR A 7 -13.42 12.59 2.55
N THR A 8 -13.01 13.69 3.17
CA THR A 8 -12.19 14.69 2.53
C THR A 8 -10.80 14.73 3.18
N LEU A 9 -9.79 14.69 2.32
CA LEU A 9 -8.42 14.80 2.73
C LEU A 9 -7.74 15.73 1.73
N LYS A 10 -7.15 16.81 2.21
CA LYS A 10 -6.64 17.86 1.35
CA LYS A 10 -6.66 17.87 1.35
C LYS A 10 -7.78 18.25 0.39
N ASP A 11 -7.51 18.35 -0.92
CA ASP A 11 -8.56 18.78 -1.87
C ASP A 11 -9.40 17.62 -2.44
N VAL A 12 -9.18 16.41 -1.95
CA VAL A 12 -9.80 15.24 -2.52
C VAL A 12 -10.95 14.78 -1.64
N THR A 13 -12.12 14.54 -2.24
CA THR A 13 -13.25 13.96 -1.53
C THR A 13 -13.58 12.58 -2.11
N LEU A 14 -13.57 11.59 -1.22
CA LEU A 14 -13.98 10.24 -1.54
CA LEU A 14 -13.98 10.23 -1.54
C LEU A 14 -15.48 10.09 -1.25
N ARG A 15 -16.20 9.41 -2.15
CA ARG A 15 -17.67 9.31 -1.99
C ARG A 15 -18.12 8.38 -0.86
N ASN A 16 -17.21 7.55 -0.35
CA ASN A 16 -17.50 6.69 0.78
C ASN A 16 -16.17 6.31 1.43
N ARG A 17 -16.20 5.46 2.46
CA ARG A 17 -14.99 5.08 3.19
C ARG A 17 -14.43 3.73 2.77
N ILE A 18 -14.87 3.23 1.61
CA ILE A 18 -14.33 1.99 1.11
C ILE A 18 -13.16 2.28 0.21
N ALA A 19 -11.99 1.77 0.61
CA ALA A 19 -10.79 1.85 -0.21
C ALA A 19 -10.42 0.48 -0.73
N ILE A 20 -10.03 0.44 -2.00
CA ILE A 20 -9.46 -0.79 -2.57
C ILE A 20 -7.93 -0.65 -2.47
N PRO A 21 -7.28 -1.49 -1.62
CA PRO A 21 -5.85 -1.35 -1.41
C PRO A 21 -5.07 -1.86 -2.64
N PRO A 22 -3.80 -1.49 -2.74
CA PRO A 22 -2.98 -1.99 -3.83
C PRO A 22 -2.94 -3.52 -3.81
N MET A 23 -3.18 -4.10 -4.98
CA MET A 23 -3.13 -5.56 -5.15
C MET A 23 -2.44 -5.90 -6.47
N CYS A 24 -1.20 -6.33 -6.36
CA CYS A 24 -0.43 -6.82 -7.52
C CYS A 24 -1.21 -7.81 -8.36
N GLN A 25 -1.12 -7.64 -9.67
CA GLN A 25 -1.77 -8.50 -10.64
C GLN A 25 -0.79 -9.41 -11.37
N TYR A 26 0.49 -9.06 -11.37
CA TYR A 26 1.53 -9.89 -12.00
C TYR A 26 1.29 -10.08 -13.50
N MET A 27 0.70 -9.09 -14.14
CA MET A 27 0.30 -9.19 -15.57
C MET A 27 0.99 -8.18 -16.49
N ALA A 28 1.91 -7.38 -15.95
CA ALA A 28 2.65 -6.42 -16.75
C ALA A 28 3.83 -7.07 -17.46
N GLU A 29 4.34 -6.39 -18.49
CA GLU A 29 5.46 -6.92 -19.27
C GLU A 29 6.52 -5.82 -19.31
N ASP A 30 7.70 -6.13 -18.77
CA ASP A 30 8.76 -5.12 -18.68
CA ASP A 30 8.78 -5.14 -18.62
C ASP A 30 8.24 -3.86 -18.00
N GLY A 31 7.39 -4.04 -16.99
CA GLY A 31 6.79 -2.94 -16.26
C GLY A 31 5.58 -2.28 -16.90
N MET A 32 5.31 -2.56 -18.17
CA MET A 32 4.23 -1.89 -18.86
CA MET A 32 4.23 -1.92 -18.91
C MET A 32 2.89 -2.56 -18.60
N ILE A 33 1.95 -1.77 -18.10
CA ILE A 33 0.59 -2.30 -17.90
C ILE A 33 -0.12 -2.45 -19.25
N ASN A 34 -1.27 -3.11 -19.25
CA ASN A 34 -1.95 -3.44 -20.49
C ASN A 34 -3.46 -3.57 -20.24
N ASP A 35 -4.19 -4.20 -21.15
CA ASP A 35 -5.63 -4.25 -21.00
C ASP A 35 -6.07 -5.12 -19.84
N TRP A 36 -5.18 -5.98 -19.32
CA TRP A 36 -5.52 -6.64 -18.07
C TRP A 36 -5.86 -5.58 -17.03
N HIS A 37 -4.90 -4.67 -16.80
CA HIS A 37 -5.02 -3.67 -15.75
C HIS A 37 -6.13 -2.68 -16.07
N HIS A 38 -6.27 -2.28 -17.34
CA HIS A 38 -7.28 -1.31 -17.68
C HIS A 38 -8.68 -1.81 -17.27
N VAL A 39 -9.01 -3.01 -17.70
CA VAL A 39 -10.34 -3.57 -17.41
C VAL A 39 -10.52 -3.86 -15.91
N HIS A 40 -9.50 -4.42 -15.30
CA HIS A 40 -9.51 -4.74 -13.87
C HIS A 40 -9.82 -3.48 -13.04
N LEU A 41 -9.07 -2.42 -13.30
CA LEU A 41 -9.17 -1.20 -12.51
C LEU A 41 -10.44 -0.42 -12.81
N ALA A 42 -10.79 -0.26 -14.11
CA ALA A 42 -12.01 0.45 -14.44
C ALA A 42 -13.22 -0.29 -13.87
N GLY A 43 -13.21 -1.62 -13.94
CA GLY A 43 -14.33 -2.41 -13.41
C GLY A 43 -14.47 -2.20 -11.89
N LEU A 44 -13.34 -2.20 -11.19
CA LEU A 44 -13.38 -1.95 -9.74
C LEU A 44 -13.91 -0.56 -9.43
N ALA A 45 -13.45 0.44 -10.18
CA ALA A 45 -13.91 1.80 -9.95
C ALA A 45 -15.42 1.92 -10.12
N ARG A 46 -15.99 1.24 -11.13
CA ARG A 46 -17.42 1.25 -11.34
C ARG A 46 -18.21 0.53 -10.25
N GLY A 47 -17.55 -0.33 -9.50
CA GLY A 47 -18.18 -1.08 -8.43
C GLY A 47 -18.58 -0.26 -7.23
N GLY A 48 -18.06 0.96 -7.12
CA GLY A 48 -18.56 1.89 -6.13
C GLY A 48 -17.59 2.37 -5.06
N ALA A 49 -16.43 1.74 -4.94
CA ALA A 49 -15.49 2.18 -3.90
C ALA A 49 -15.09 3.63 -4.11
N GLY A 50 -14.85 4.35 -2.99
CA GLY A 50 -14.46 5.74 -3.06
C GLY A 50 -13.04 5.98 -3.53
N LEU A 51 -12.16 5.02 -3.24
CA LEU A 51 -10.74 5.15 -3.55
C LEU A 51 -10.25 3.83 -4.09
N LEU A 52 -9.50 3.90 -5.19
CA LEU A 52 -8.88 2.73 -5.81
C LEU A 52 -7.39 2.99 -5.94
N VAL A 53 -6.57 2.26 -5.18
CA VAL A 53 -5.15 2.40 -5.20
C VAL A 53 -4.53 1.31 -6.08
N VAL A 54 -3.89 1.75 -7.17
CA VAL A 54 -3.20 0.83 -8.07
C VAL A 54 -2.06 0.11 -7.31
N GLU A 55 -1.91 -1.18 -7.65
CA GLU A 55 -0.87 -2.07 -7.17
C GLU A 55 0.53 -1.46 -7.07
N ALA A 56 1.34 -2.08 -6.22
CA ALA A 56 2.75 -1.76 -6.08
C ALA A 56 3.38 -1.61 -7.47
N THR A 57 3.84 -0.38 -7.77
CA THR A 57 4.37 -0.04 -9.07
C THR A 57 5.83 0.38 -8.85
N ALA A 58 6.73 -0.38 -9.47
CA ALA A 58 8.16 -0.26 -9.19
C ALA A 58 8.76 1.05 -9.68
N VAL A 59 9.58 1.67 -8.84
CA VAL A 59 10.27 2.90 -9.21
C VAL A 59 11.52 2.65 -10.05
N ALA A 60 11.92 1.38 -10.17
CA ALA A 60 13.14 1.00 -10.89
C ALA A 60 12.96 -0.47 -11.25
N PRO A 61 13.58 -0.95 -12.37
CA PRO A 61 13.32 -2.31 -12.80
C PRO A 61 13.64 -3.35 -11.70
N GLU A 62 14.75 -3.17 -10.98
CA GLU A 62 15.17 -4.15 -9.99
C GLU A 62 14.32 -4.09 -8.73
N GLY A 63 13.43 -3.10 -8.64
CA GLY A 63 12.50 -2.96 -7.52
C GLY A 63 11.15 -3.58 -7.77
N ARG A 64 10.94 -4.22 -8.92
CA ARG A 64 9.79 -5.09 -9.10
C ARG A 64 9.89 -6.27 -8.14
N ILE A 65 8.75 -6.79 -7.69
CA ILE A 65 8.76 -8.08 -7.00
C ILE A 65 9.08 -9.20 -7.99
N THR A 66 8.40 -9.18 -9.16
CA THR A 66 8.42 -10.29 -10.10
C THR A 66 8.52 -9.74 -11.53
N PRO A 67 8.75 -10.64 -12.52
CA PRO A 67 8.73 -10.19 -13.91
C PRO A 67 7.36 -9.69 -14.38
N GLY A 68 6.30 -9.93 -13.60
CA GLY A 68 5.00 -9.45 -13.99
C GLY A 68 4.58 -8.13 -13.33
N CYS A 69 5.46 -7.50 -12.55
CA CYS A 69 5.08 -6.30 -11.83
C CYS A 69 5.05 -5.05 -12.71
N ALA A 70 4.11 -4.16 -12.37
CA ALA A 70 4.02 -2.86 -13.01
C ALA A 70 5.21 -2.00 -12.60
N GLY A 71 5.56 -1.06 -13.50
CA GLY A 71 6.62 -0.11 -13.27
C GLY A 71 6.24 1.27 -13.71
N ILE A 72 6.96 2.26 -13.17
CA ILE A 72 6.76 3.64 -13.55
C ILE A 72 8.12 4.36 -13.63
N TRP A 73 9.11 3.61 -14.09
CA TRP A 73 10.49 4.08 -14.10
C TRP A 73 10.90 4.80 -15.37
N SER A 74 9.95 5.06 -16.26
CA SER A 74 10.19 5.90 -17.44
C SER A 74 8.90 6.60 -17.78
N ASP A 75 9.01 7.62 -18.63
CA ASP A 75 7.83 8.37 -19.01
C ASP A 75 6.88 7.48 -19.85
N ALA A 76 7.41 6.54 -20.64
CA ALA A 76 6.56 5.63 -21.40
C ALA A 76 5.73 4.78 -20.44
N HIS A 77 6.35 4.32 -19.36
CA HIS A 77 5.59 3.55 -18.37
C HIS A 77 4.45 4.37 -17.77
N ALA A 78 4.73 5.63 -17.46
CA ALA A 78 3.73 6.52 -16.85
C ALA A 78 2.58 6.79 -17.81
N GLN A 79 2.94 7.00 -19.08
N GLN A 79 2.90 7.00 -19.07
CA GLN A 79 1.95 7.24 -20.12
CA GLN A 79 1.86 7.31 -20.04
C GLN A 79 0.88 6.16 -20.13
C GLN A 79 0.86 6.15 -20.20
N ALA A 80 1.32 4.91 -19.98
CA ALA A 80 0.43 3.75 -20.06
C ALA A 80 -0.67 3.82 -19.00
N PHE A 81 -0.42 4.53 -17.89
CA PHE A 81 -1.46 4.71 -16.86
C PHE A 81 -2.50 5.74 -17.20
N VAL A 82 -2.23 6.66 -18.14
CA VAL A 82 -3.15 7.77 -18.34
C VAL A 82 -4.59 7.31 -18.68
N PRO A 83 -4.77 6.40 -19.64
CA PRO A 83 -6.18 6.01 -19.93
C PRO A 83 -6.87 5.31 -18.75
N VAL A 84 -6.11 4.59 -17.94
CA VAL A 84 -6.69 3.93 -16.77
C VAL A 84 -7.12 4.96 -15.74
N VAL A 85 -6.24 5.93 -15.46
CA VAL A 85 -6.61 7.01 -14.55
C VAL A 85 -7.87 7.68 -15.02
N GLN A 86 -7.95 7.96 -16.33
CA GLN A 86 -9.11 8.61 -16.86
C GLN A 86 -10.37 7.75 -16.70
N ALA A 87 -10.26 6.43 -16.86
CA ALA A 87 -11.42 5.54 -16.68
C ALA A 87 -11.85 5.47 -15.21
N ILE A 88 -10.90 5.51 -14.27
CA ILE A 88 -11.23 5.45 -12.86
C ILE A 88 -11.99 6.73 -12.49
N LYS A 89 -11.51 7.89 -12.95
CA LYS A 89 -12.20 9.15 -12.67
C LYS A 89 -13.59 9.18 -13.32
N ALA A 90 -13.72 8.65 -14.54
CA ALA A 90 -15.04 8.66 -15.20
C ALA A 90 -16.07 7.90 -14.38
N ALA A 91 -15.62 6.90 -13.62
CA ALA A 91 -16.49 6.10 -12.77
C ALA A 91 -16.78 6.73 -11.41
N GLY A 92 -16.15 7.87 -11.12
CA GLY A 92 -16.38 8.57 -9.86
C GLY A 92 -15.55 8.11 -8.69
N SER A 93 -14.59 7.23 -8.92
CA SER A 93 -13.67 6.83 -7.87
C SER A 93 -12.43 7.71 -7.95
N VAL A 94 -11.70 7.78 -6.85
CA VAL A 94 -10.45 8.54 -6.84
C VAL A 94 -9.30 7.60 -7.20
N PRO A 95 -8.48 7.96 -8.19
CA PRO A 95 -7.36 7.11 -8.56
C PRO A 95 -6.12 7.38 -7.73
N GLY A 96 -5.61 6.33 -7.07
CA GLY A 96 -4.34 6.41 -6.38
C GLY A 96 -3.36 5.40 -6.91
N ILE A 97 -2.09 5.50 -6.49
CA ILE A 97 -1.10 4.54 -6.88
C ILE A 97 -0.10 4.36 -5.73
N GLN A 98 0.31 3.12 -5.56
CA GLN A 98 1.38 2.77 -4.63
C GLN A 98 2.70 2.64 -5.38
N ILE A 99 3.70 3.46 -5.02
CA ILE A 99 5.02 3.37 -5.65
C ILE A 99 5.96 2.64 -4.71
N ALA A 100 6.83 1.79 -5.27
CA ALA A 100 7.41 0.71 -4.51
C ALA A 100 8.82 0.35 -4.98
N HIS A 101 9.54 -0.34 -4.09
CA HIS A 101 10.81 -0.99 -4.42
C HIS A 101 10.93 -2.22 -3.52
N ALA A 102 10.99 -3.41 -4.14
CA ALA A 102 10.88 -4.67 -3.43
C ALA A 102 12.16 -5.05 -2.64
N GLY A 103 13.28 -4.36 -2.87
CA GLY A 103 14.45 -4.68 -2.06
C GLY A 103 14.87 -6.14 -2.15
N ARG A 104 15.14 -6.75 -0.98
CA ARG A 104 15.68 -8.11 -1.01
C ARG A 104 14.63 -9.13 -1.41
N LYS A 105 13.36 -8.74 -1.42
CA LYS A 105 12.27 -9.65 -1.83
C LYS A 105 11.96 -9.58 -3.35
N ALA A 106 12.78 -8.83 -4.09
CA ALA A 106 12.63 -8.74 -5.52
C ALA A 106 13.14 -9.98 -6.24
N SER A 107 12.98 -9.99 -7.56
CA SER A 107 13.44 -11.09 -8.42
C SER A 107 12.83 -12.43 -8.01
N ALA A 108 11.53 -12.42 -7.76
CA ALA A 108 10.77 -13.61 -7.38
C ALA A 108 9.82 -14.05 -8.49
N ASN A 109 9.42 -15.31 -8.43
CA ASN A 109 8.38 -15.82 -9.31
C ASN A 109 7.01 -15.29 -8.93
N ARG A 110 6.10 -15.28 -9.89
CA ARG A 110 4.70 -14.99 -9.58
C ARG A 110 4.19 -16.01 -8.54
N PRO A 111 3.18 -15.60 -7.73
CA PRO A 111 2.76 -16.44 -6.61
C PRO A 111 2.21 -17.82 -7.06
N TRP A 112 1.67 -17.91 -8.26
CA TRP A 112 1.16 -19.19 -8.78
C TRP A 112 2.18 -19.90 -9.68
N GLU A 113 3.42 -19.38 -9.69
CA GLU A 113 4.52 -19.95 -10.45
C GLU A 113 5.73 -20.22 -9.54
N GLY A 114 5.46 -20.50 -8.27
CA GLY A 114 6.49 -20.92 -7.33
C GLY A 114 6.60 -19.99 -6.12
N ASP A 115 6.32 -18.70 -6.32
CA ASP A 115 6.33 -17.72 -5.24
C ASP A 115 7.69 -17.53 -4.57
N ASP A 116 8.74 -17.99 -5.22
CA ASP A 116 10.06 -18.09 -4.62
C ASP A 116 11.09 -17.31 -5.44
N HIS A 117 12.29 -17.11 -4.91
CA HIS A 117 13.31 -16.42 -5.69
C HIS A 117 13.57 -17.16 -7.00
N ILE A 118 13.72 -16.39 -8.08
CA ILE A 118 14.01 -16.94 -9.39
C ILE A 118 15.38 -17.62 -9.39
N ALA A 119 15.45 -18.79 -10.03
CA ALA A 119 16.68 -19.55 -10.11
C ALA A 119 17.79 -18.78 -10.79
N ALA A 120 19.02 -19.09 -10.41
CA ALA A 120 20.18 -18.32 -10.84
C ALA A 120 20.39 -18.32 -12.35
N ASP A 121 19.95 -19.37 -13.03
CA ASP A 121 20.17 -19.48 -14.48
C ASP A 121 18.93 -19.14 -15.32
N ASP A 122 17.88 -18.66 -14.67
CA ASP A 122 16.68 -18.22 -15.35
C ASP A 122 16.92 -16.79 -15.91
N THR A 123 16.72 -16.61 -17.20
CA THR A 123 17.04 -15.33 -17.86
C THR A 123 16.18 -14.19 -17.37
N ARG A 124 15.17 -14.49 -16.57
CA ARG A 124 14.32 -13.44 -16.10
C ARG A 124 14.83 -12.77 -14.81
N GLY A 125 15.76 -13.39 -14.10
CA GLY A 125 16.13 -12.91 -12.77
C GLY A 125 17.12 -11.76 -12.76
N TRP A 126 17.30 -11.16 -11.58
CA TRP A 126 18.24 -10.06 -11.44
C TRP A 126 18.74 -9.96 -10.02
N GLU A 127 19.84 -9.21 -9.86
CA GLU A 127 20.40 -8.99 -8.56
C GLU A 127 19.54 -8.03 -7.75
N THR A 128 19.31 -8.38 -6.51
CA THR A 128 18.52 -7.55 -5.61
C THR A 128 19.43 -6.63 -4.79
N ILE A 129 18.86 -5.56 -4.26
CA ILE A 129 19.59 -4.61 -3.42
C ILE A 129 18.86 -4.41 -2.10
N ALA A 130 19.61 -4.04 -1.05
CA ALA A 130 19.05 -3.93 0.29
C ALA A 130 20.00 -3.13 1.17
N PRO A 131 19.55 -2.77 2.38
CA PRO A 131 20.44 -2.06 3.31
CA PRO A 131 20.50 -2.02 3.21
C PRO A 131 21.71 -2.87 3.62
N SER A 132 21.55 -4.18 3.75
CA SER A 132 22.63 -5.07 4.18
C SER A 132 22.53 -6.38 3.40
N ALA A 133 23.68 -7.03 3.22
CA ALA A 133 23.76 -8.28 2.49
C ALA A 133 23.34 -9.46 3.37
N ILE A 134 22.03 -9.55 3.58
CA ILE A 134 21.41 -10.57 4.42
CA ILE A 134 21.45 -10.63 4.36
C ILE A 134 20.14 -11.05 3.71
N ALA A 135 20.02 -12.35 3.49
CA ALA A 135 18.83 -12.93 2.86
C ALA A 135 17.64 -12.96 3.82
N PHE A 136 16.45 -12.79 3.25
CA PHE A 136 15.20 -13.04 3.95
C PHE A 136 15.17 -14.47 4.51
N GLY A 137 15.52 -15.43 3.66
CA GLY A 137 15.50 -16.85 4.02
C GLY A 137 14.31 -17.55 3.45
N ALA A 138 14.03 -18.74 3.97
CA ALA A 138 12.90 -19.54 3.52
C ALA A 138 12.88 -19.62 1.98
N HIS A 139 11.77 -19.24 1.36
CA HIS A 139 11.60 -19.30 -0.09
C HIS A 139 12.24 -18.14 -0.86
N LEU A 140 12.86 -17.22 -0.12
CA LEU A 140 13.58 -16.07 -0.67
C LEU A 140 15.04 -16.10 -0.16
N PRO A 141 15.82 -17.11 -0.59
CA PRO A 141 17.19 -17.28 -0.08
C PRO A 141 18.27 -16.38 -0.71
N LYS A 142 17.96 -15.62 -1.76
N LYS A 142 17.96 -15.63 -1.77
CA LYS A 142 18.99 -14.83 -2.44
CA LYS A 142 18.99 -14.85 -2.44
C LYS A 142 19.55 -13.75 -1.54
C LYS A 142 19.54 -13.77 -1.51
N VAL A 143 20.87 -13.66 -1.45
CA VAL A 143 21.51 -12.64 -0.64
C VAL A 143 21.56 -11.36 -1.50
N PRO A 144 20.97 -10.26 -1.02
CA PRO A 144 21.00 -9.01 -1.78
C PRO A 144 22.37 -8.33 -1.73
N ARG A 145 22.63 -7.44 -2.67
CA ARG A 145 23.80 -6.58 -2.63
C ARG A 145 23.55 -5.41 -1.66
N GLU A 146 24.54 -5.14 -0.81
CA GLU A 146 24.50 -3.99 0.09
CA GLU A 146 24.49 -4.00 0.09
C GLU A 146 24.59 -2.67 -0.67
N MET A 147 23.62 -1.80 -0.46
CA MET A 147 23.56 -0.52 -1.18
C MET A 147 24.72 0.40 -0.79
N THR A 148 25.30 1.07 -1.78
CA THR A 148 26.20 2.21 -1.55
C THR A 148 25.40 3.50 -1.27
N LEU A 149 26.08 4.55 -0.82
CA LEU A 149 25.43 5.83 -0.64
C LEU A 149 24.88 6.35 -1.96
N ASP A 150 25.59 6.10 -3.05
CA ASP A 150 25.10 6.49 -4.36
CA ASP A 150 25.10 6.51 -4.34
C ASP A 150 23.85 5.71 -4.73
N ASP A 151 23.78 4.42 -4.39
CA ASP A 151 22.54 3.65 -4.59
C ASP A 151 21.37 4.27 -3.82
N ILE A 152 21.63 4.68 -2.58
CA ILE A 152 20.58 5.30 -1.76
C ILE A 152 20.12 6.59 -2.45
N ALA A 153 21.05 7.44 -2.89
CA ALA A 153 20.69 8.66 -3.57
C ALA A 153 19.88 8.37 -4.84
N ARG A 154 20.29 7.34 -5.58
CA ARG A 154 19.63 6.99 -6.84
CA ARG A 154 19.63 6.98 -6.83
C ARG A 154 18.19 6.49 -6.59
N VAL A 155 18.01 5.63 -5.60
CA VAL A 155 16.69 5.08 -5.34
C VAL A 155 15.77 6.20 -4.83
N LYS A 156 16.28 7.10 -3.98
CA LYS A 156 15.47 8.23 -3.58
C LYS A 156 15.03 9.03 -4.80
N GLN A 157 15.94 9.31 -5.72
CA GLN A 157 15.58 10.06 -6.91
C GLN A 157 14.57 9.27 -7.76
N ASP A 158 14.68 7.94 -7.79
CA ASP A 158 13.70 7.12 -8.51
C ASP A 158 12.31 7.26 -7.88
N PHE A 159 12.21 7.34 -6.56
CA PHE A 159 10.91 7.61 -5.91
C PHE A 159 10.40 8.99 -6.29
N VAL A 160 11.28 10.00 -6.31
CA VAL A 160 10.86 11.33 -6.73
C VAL A 160 10.34 11.31 -8.16
N ASP A 161 11.09 10.70 -9.07
CA ASP A 161 10.68 10.65 -10.47
C ASP A 161 9.34 9.91 -10.64
N ALA A 162 9.17 8.82 -9.89
CA ALA A 162 7.94 8.05 -9.92
C ALA A 162 6.77 8.90 -9.45
N ALA A 163 6.97 9.68 -8.39
CA ALA A 163 5.90 10.53 -7.87
C ALA A 163 5.54 11.63 -8.87
N ARG A 164 6.56 12.21 -9.50
CA ARG A 164 6.34 13.23 -10.52
CA ARG A 164 6.36 13.23 -10.53
C ARG A 164 5.54 12.65 -11.70
N ARG A 165 5.91 11.44 -12.13
CA ARG A 165 5.20 10.77 -13.20
C ARG A 165 3.77 10.43 -12.79
N ALA A 166 3.57 9.98 -11.56
CA ALA A 166 2.22 9.68 -11.09
C ALA A 166 1.36 10.94 -11.09
N ARG A 167 1.92 12.05 -10.62
CA ARG A 167 1.25 13.33 -10.63
C ARG A 167 0.81 13.69 -12.05
N ASP A 168 1.76 13.60 -12.99
CA ASP A 168 1.50 14.04 -14.35
C ASP A 168 0.60 13.06 -15.12
N ALA A 169 0.46 11.82 -14.65
CA ALA A 169 -0.48 10.88 -15.23
C ALA A 169 -1.91 11.12 -14.73
N GLY A 170 -2.08 11.96 -13.71
CA GLY A 170 -3.38 12.36 -13.21
C GLY A 170 -3.81 11.69 -11.92
N PHE A 171 -2.92 10.91 -11.29
CA PHE A 171 -3.28 10.32 -9.99
C PHE A 171 -3.55 11.42 -8.95
N GLU A 172 -4.50 11.15 -8.06
CA GLU A 172 -4.94 12.12 -7.07
C GLU A 172 -4.58 11.72 -5.63
N TRP A 173 -3.80 10.65 -5.51
CA TRP A 173 -3.52 10.04 -4.21
C TRP A 173 -2.29 9.18 -4.43
N ILE A 174 -1.25 9.32 -3.58
CA ILE A 174 -0.05 8.51 -3.73
C ILE A 174 0.22 7.81 -2.40
N GLU A 175 0.76 6.60 -2.50
CA GLU A 175 1.15 5.81 -1.34
C GLU A 175 2.58 5.31 -1.50
N LEU A 176 3.47 5.69 -0.58
CA LEU A 176 4.83 5.18 -0.58
C LEU A 176 4.83 3.81 0.11
N HIS A 177 5.37 2.81 -0.59
CA HIS A 177 5.34 1.45 -0.04
C HIS A 177 6.52 1.20 0.87
N PHE A 178 6.33 1.49 2.16
CA PHE A 178 7.36 1.28 3.17
C PHE A 178 6.99 0.07 4.05
N ALA A 179 6.24 -0.91 3.49
CA ALA A 179 5.80 -2.07 4.25
C ALA A 179 6.26 -3.38 3.64
N HIS A 180 5.85 -4.48 4.28
CA HIS A 180 5.89 -5.82 3.71
C HIS A 180 7.29 -6.33 3.40
N GLY A 181 8.29 -5.82 4.11
CA GLY A 181 9.62 -6.39 4.06
C GLY A 181 10.42 -5.93 2.85
N PHE A 182 9.83 -4.99 2.11
CA PHE A 182 10.45 -4.44 0.91
C PHE A 182 11.49 -3.39 1.33
N LEU A 183 11.97 -2.60 0.38
CA LEU A 183 13.19 -1.83 0.65
C LEU A 183 13.03 -0.91 1.88
N GLY A 184 12.00 -0.08 1.90
CA GLY A 184 11.82 0.86 2.99
C GLY A 184 11.69 0.16 4.34
N GLN A 185 10.81 -0.84 4.41
CA GLN A 185 10.63 -1.56 5.66
C GLN A 185 11.97 -2.14 6.13
N SER A 186 12.78 -2.63 5.19
CA SER A 186 14.02 -3.29 5.52
C SER A 186 15.09 -2.31 6.04
N PHE A 187 15.03 -1.06 5.62
CA PHE A 187 15.86 -0.02 6.24
C PHE A 187 15.46 0.22 7.69
N PHE A 188 14.15 0.19 7.97
CA PHE A 188 13.73 0.48 9.35
C PHE A 188 14.06 -0.66 10.33
N SER A 189 13.91 -1.90 9.89
CA SER A 189 14.05 -3.03 10.80
C SER A 189 15.49 -3.39 11.13
N GLU A 190 15.78 -3.57 12.42
CA GLU A 190 17.06 -4.08 12.86
C GLU A 190 17.35 -5.51 12.37
N HIS A 191 16.31 -6.27 12.01
CA HIS A 191 16.56 -7.61 11.48
C HIS A 191 17.36 -7.59 10.19
N SER A 192 17.07 -6.59 9.35
CA SER A 192 17.57 -6.52 7.98
C SER A 192 18.62 -5.43 7.76
N ASN A 193 18.67 -4.45 8.67
CA ASN A 193 19.58 -3.33 8.53
C ASN A 193 20.66 -3.40 9.59
N LYS A 194 21.85 -3.79 9.14
CA LYS A 194 23.03 -3.86 10.01
C LYS A 194 24.06 -2.80 9.63
N ARG A 195 23.62 -1.77 8.91
CA ARG A 195 24.56 -0.73 8.47
C ARG A 195 25.14 0.04 9.65
N THR A 196 26.35 0.55 9.44
CA THR A 196 27.04 1.34 10.46
C THR A 196 27.36 2.75 9.97
N ASP A 197 26.77 3.14 8.84
CA ASP A 197 26.85 4.51 8.37
C ASP A 197 25.61 5.29 8.83
N ALA A 198 25.32 6.42 8.19
CA ALA A 198 24.20 7.28 8.56
C ALA A 198 22.85 6.63 8.39
N TYR A 199 22.78 5.48 7.69
CA TYR A 199 21.50 4.82 7.41
C TYR A 199 21.23 3.54 8.19
N GLY A 200 22.06 3.27 9.21
CA GLY A 200 21.76 2.21 10.15
C GLY A 200 22.29 2.48 11.55
N GLY A 201 21.86 1.71 12.56
N GLY A 201 21.86 1.57 12.44
CA GLY A 201 22.53 1.72 13.87
CA GLY A 201 22.18 1.59 13.85
C GLY A 201 21.99 2.54 15.05
C GLY A 201 21.01 2.15 14.64
N SER A 202 21.06 3.45 14.78
CA SER A 202 20.16 4.10 15.73
C SER A 202 18.77 4.23 15.08
N PHE A 203 17.77 4.54 15.88
CA PHE A 203 16.42 4.85 15.38
C PHE A 203 16.45 5.94 14.31
N ASP A 204 17.15 7.05 14.59
CA ASP A 204 17.24 8.12 13.60
C ASP A 204 17.87 7.65 12.30
N ASN A 205 18.93 6.85 12.40
CA ASN A 205 19.61 6.38 11.19
C ASN A 205 18.76 5.38 10.40
N ARG A 206 18.11 4.47 11.09
CA ARG A 206 17.23 3.49 10.44
C ARG A 206 16.00 4.17 9.79
N SER A 207 15.53 5.24 10.41
N SER A 207 15.56 5.27 10.40
CA SER A 207 14.43 6.03 9.90
CA SER A 207 14.42 6.02 9.90
C SER A 207 14.81 6.86 8.68
C SER A 207 14.81 7.03 8.83
N ARG A 208 16.10 7.14 8.54
CA ARG A 208 16.59 8.19 7.64
C ARG A 208 16.17 7.97 6.18
N PHE A 209 16.33 6.74 5.67
CA PHE A 209 15.95 6.49 4.26
C PHE A 209 14.48 6.82 4.05
N LEU A 210 13.63 6.43 4.98
CA LEU A 210 12.19 6.61 4.84
C LEU A 210 11.83 8.10 4.91
N LEU A 211 12.39 8.81 5.89
CA LEU A 211 12.09 10.22 6.05
C LEU A 211 12.67 11.06 4.93
N GLU A 212 13.88 10.74 4.46
CA GLU A 212 14.43 11.46 3.33
C GLU A 212 13.65 11.21 2.06
N THR A 213 13.16 9.98 1.86
CA THR A 213 12.39 9.67 0.65
C THR A 213 11.06 10.43 0.71
N LEU A 214 10.42 10.40 1.88
CA LEU A 214 9.18 11.19 2.05
C LEU A 214 9.39 12.67 1.71
N ALA A 215 10.44 13.26 2.27
CA ALA A 215 10.70 14.68 2.05
C ALA A 215 11.00 14.97 0.59
N ALA A 216 11.72 14.08 -0.08
CA ALA A 216 12.07 14.30 -1.47
C ALA A 216 10.82 14.22 -2.36
N VAL A 217 9.96 13.25 -2.08
CA VAL A 217 8.70 13.10 -2.80
C VAL A 217 7.81 14.31 -2.55
N ARG A 218 7.79 14.80 -1.32
CA ARG A 218 6.93 15.94 -0.98
C ARG A 218 7.24 17.16 -1.84
N GLU A 219 8.49 17.28 -2.30
CA GLU A 219 8.90 18.40 -3.15
C GLU A 219 8.21 18.42 -4.51
N VAL A 220 7.86 17.26 -5.05
CA VAL A 220 7.24 17.20 -6.37
C VAL A 220 5.74 16.86 -6.31
N TRP A 221 5.27 16.27 -5.21
CA TRP A 221 3.88 15.86 -5.10
C TRP A 221 3.04 17.05 -4.64
N PRO A 222 1.91 17.33 -5.32
CA PRO A 222 1.15 18.53 -4.96
C PRO A 222 0.65 18.56 -3.52
N GLU A 223 0.79 19.72 -2.88
N GLU A 223 0.75 19.71 -2.87
CA GLU A 223 0.30 19.95 -1.53
CA GLU A 223 0.31 19.85 -1.48
C GLU A 223 -1.15 19.49 -1.36
C GLU A 223 -1.19 19.68 -1.30
N ASN A 224 -1.96 19.78 -2.38
CA ASN A 224 -3.41 19.61 -2.30
C ASN A 224 -3.93 18.19 -2.59
N LEU A 225 -3.03 17.24 -2.79
CA LEU A 225 -3.40 15.85 -3.00
C LEU A 225 -2.82 14.99 -1.87
N PRO A 226 -3.62 14.05 -1.35
CA PRO A 226 -3.10 13.23 -0.26
C PRO A 226 -1.78 12.52 -0.57
N LEU A 227 -0.87 12.62 0.40
CA LEU A 227 0.44 12.00 0.43
C LEU A 227 0.42 10.99 1.56
N THR A 228 0.49 9.70 1.22
CA THR A 228 0.29 8.65 2.19
C THR A 228 1.43 7.63 2.08
N ALA A 229 1.48 6.72 3.04
CA ALA A 229 2.46 5.66 3.04
C ALA A 229 1.85 4.43 3.68
N ARG A 230 2.35 3.27 3.31
CA ARG A 230 2.04 2.02 3.96
C ARG A 230 3.27 1.62 4.76
N PHE A 231 3.05 1.18 5.98
CA PHE A 231 4.17 0.85 6.87
C PHE A 231 3.77 -0.28 7.81
N GLY A 232 4.67 -1.26 7.95
CA GLY A 232 4.48 -2.37 8.86
C GLY A 232 4.88 -1.98 10.27
N VAL A 233 3.93 -1.88 11.17
CA VAL A 233 4.19 -1.29 12.48
C VAL A 233 4.62 -2.30 13.53
N LEU A 234 4.46 -3.58 13.24
CA LEU A 234 5.00 -4.65 14.08
C LEU A 234 5.21 -5.89 13.20
N GLU A 235 5.98 -6.86 13.73
CA GLU A 235 6.35 -8.08 13.00
C GLU A 235 5.73 -9.36 13.54
N TYR A 236 5.23 -9.32 14.79
CA TYR A 236 4.88 -10.54 15.50
C TYR A 236 6.08 -11.46 15.63
N ASP A 237 7.20 -10.88 16.08
CA ASP A 237 8.49 -11.54 16.19
C ASP A 237 8.98 -11.58 17.62
N GLY A 238 8.08 -11.44 18.58
CA GLY A 238 8.50 -11.44 19.97
C GLY A 238 9.09 -10.11 20.46
N ARG A 239 9.11 -9.10 19.60
N ARG A 239 9.08 -9.09 19.60
CA ARG A 239 9.57 -7.77 19.98
CA ARG A 239 9.58 -7.77 19.95
C ARG A 239 8.50 -6.73 19.66
C ARG A 239 8.50 -6.69 19.78
N ASP A 240 7.23 -7.08 19.90
CA ASP A 240 6.14 -6.22 19.46
C ASP A 240 5.99 -4.88 20.18
N GLU A 241 6.10 -4.87 21.51
N GLU A 241 6.06 -4.86 21.50
CA GLU A 241 5.89 -3.62 22.25
CA GLU A 241 5.86 -3.58 22.18
C GLU A 241 6.97 -2.58 21.93
C GLU A 241 6.96 -2.60 21.81
N GLN A 242 8.23 -3.01 21.84
CA GLN A 242 9.30 -2.10 21.48
C GLN A 242 9.18 -1.66 20.01
N THR A 243 8.84 -2.59 19.13
CA THR A 243 8.71 -2.28 17.71
C THR A 243 7.54 -1.32 17.47
N LEU A 244 6.41 -1.56 18.12
CA LEU A 244 5.27 -0.68 17.94
CA LEU A 244 5.25 -0.68 18.00
C LEU A 244 5.58 0.74 18.47
N GLU A 245 6.32 0.83 19.58
N GLU A 245 6.31 0.84 19.58
CA GLU A 245 6.69 2.13 20.11
CA GLU A 245 6.67 2.16 20.10
C GLU A 245 7.51 2.91 19.09
C GLU A 245 7.52 2.93 19.10
N GLU A 246 8.50 2.26 18.50
CA GLU A 246 9.34 2.91 17.49
C GLU A 246 8.52 3.28 16.26
N SER A 247 7.63 2.38 15.84
CA SER A 247 6.82 2.63 14.65
C SER A 247 5.91 3.84 14.83
N ILE A 248 5.39 4.00 16.04
CA ILE A 248 4.54 5.13 16.36
C ILE A 248 5.35 6.42 16.35
N GLU A 249 6.56 6.36 16.88
CA GLU A 249 7.45 7.51 16.82
C GLU A 249 7.74 7.88 15.37
N LEU A 250 8.00 6.89 14.53
CA LEU A 250 8.22 7.18 13.11
C LEU A 250 6.94 7.77 12.48
N ALA A 251 5.78 7.24 12.86
CA ALA A 251 4.52 7.81 12.35
C ALA A 251 4.37 9.28 12.71
N ARG A 252 4.78 9.67 13.92
CA ARG A 252 4.77 11.08 14.31
C ARG A 252 5.70 11.91 13.40
N ARG A 253 6.88 11.37 13.08
N ARG A 253 6.87 11.38 13.06
CA ARG A 253 7.80 12.08 12.19
CA ARG A 253 7.79 12.08 12.16
C ARG A 253 7.28 12.15 10.74
C ARG A 253 7.16 12.21 10.78
N PHE A 254 6.53 11.12 10.30
CA PHE A 254 5.87 11.16 9.00
C PHE A 254 4.83 12.28 8.98
N LYS A 255 4.01 12.35 10.05
CA LYS A 255 2.98 13.39 10.12
C LYS A 255 3.63 14.77 10.06
N ALA A 256 4.70 14.97 10.84
CA ALA A 256 5.39 16.26 10.86
C ALA A 256 5.99 16.57 9.49
N GLY A 257 6.32 15.53 8.70
CA GLY A 257 6.84 15.70 7.35
C GLY A 257 5.81 15.72 6.24
N GLY A 258 4.54 15.92 6.60
CA GLY A 258 3.53 16.15 5.59
C GLY A 258 2.70 14.93 5.19
N LEU A 259 2.85 13.80 5.87
CA LEU A 259 2.04 12.62 5.58
C LEU A 259 0.59 12.87 6.00
N ASP A 260 -0.35 12.60 5.12
CA ASP A 260 -1.76 12.86 5.38
C ASP A 260 -2.53 11.68 5.98
N LEU A 261 -2.06 10.47 5.72
CA LEU A 261 -2.75 9.27 6.18
C LEU A 261 -1.74 8.13 6.10
N LEU A 262 -1.83 7.23 7.08
CA LEU A 262 -0.97 6.05 7.13
C LEU A 262 -1.78 4.77 6.97
N SER A 263 -1.35 3.94 6.03
CA SER A 263 -1.89 2.59 5.88
C SER A 263 -1.08 1.66 6.78
N VAL A 264 -1.74 1.14 7.83
CA VAL A 264 -1.08 0.43 8.91
C VAL A 264 -1.12 -1.06 8.56
N SER A 265 0.05 -1.68 8.51
CA SER A 265 0.15 -3.07 8.13
C SER A 265 1.14 -3.81 9.04
N VAL A 266 1.48 -5.02 8.63
CA VAL A 266 2.47 -5.87 9.30
C VAL A 266 3.78 -5.81 8.51
N GLY A 267 4.89 -6.03 9.20
CA GLY A 267 6.18 -5.88 8.53
C GLY A 267 6.56 -6.90 7.47
N PHE A 268 6.28 -8.18 7.76
N PHE A 268 6.27 -8.18 7.73
CA PHE A 268 6.77 -9.28 6.92
CA PHE A 268 6.74 -9.26 6.86
C PHE A 268 8.24 -9.16 6.58
C PHE A 268 8.25 -9.14 6.56
N THR A 269 9.04 -8.68 7.53
CA THR A 269 10.45 -8.45 7.25
C THR A 269 11.27 -9.73 7.25
N ILE A 270 10.88 -10.67 8.10
CA ILE A 270 11.56 -11.94 8.27
C ILE A 270 10.50 -13.04 8.30
N PRO A 271 10.90 -14.29 8.03
CA PRO A 271 9.91 -15.37 7.99
C PRO A 271 9.53 -15.96 9.34
N ASP A 272 10.38 -15.81 10.34
N ASP A 272 10.41 -15.84 10.33
CA ASP A 272 10.14 -16.50 11.61
CA ASP A 272 10.15 -16.47 11.63
C ASP A 272 9.27 -15.68 12.55
C ASP A 272 9.28 -15.59 12.49
N THR A 273 7.97 -15.66 12.26
CA THR A 273 7.00 -14.85 13.00
C THR A 273 5.74 -15.68 13.27
N ASN A 274 4.86 -15.12 14.07
CA ASN A 274 3.60 -15.76 14.44
CA ASN A 274 3.60 -15.75 14.46
C ASN A 274 2.46 -14.75 14.39
N ILE A 275 2.01 -14.46 13.17
CA ILE A 275 0.98 -13.44 12.93
C ILE A 275 -0.40 -14.01 13.25
N PRO A 276 -1.16 -13.35 14.16
CA PRO A 276 -2.44 -13.90 14.58
C PRO A 276 -3.59 -13.53 13.64
N TRP A 277 -3.55 -14.05 12.42
CA TRP A 277 -4.56 -13.75 11.43
C TRP A 277 -5.95 -13.99 11.98
N GLY A 278 -6.86 -13.08 11.67
CA GLY A 278 -8.25 -13.23 12.07
C GLY A 278 -9.04 -12.02 11.61
N PRO A 279 -10.37 -12.07 11.71
CA PRO A 279 -11.19 -10.97 11.21
C PRO A 279 -10.86 -9.67 11.94
N ALA A 280 -10.56 -8.63 11.17
CA ALA A 280 -10.29 -7.29 11.73
C ALA A 280 -9.16 -7.30 12.78
N PHE A 281 -8.23 -8.25 12.71
CA PHE A 281 -7.25 -8.38 13.78
C PHE A 281 -6.37 -7.14 13.94
N MET A 282 -6.18 -6.35 12.87
CA MET A 282 -5.37 -5.14 12.90
CA MET A 282 -5.35 -5.15 12.93
C MET A 282 -6.09 -3.94 13.51
N GLY A 283 -7.39 -4.06 13.77
CA GLY A 283 -8.14 -2.92 14.26
C GLY A 283 -7.57 -2.22 15.48
N PRO A 284 -7.28 -2.99 16.53
CA PRO A 284 -6.71 -2.36 17.74
C PRO A 284 -5.33 -1.72 17.54
N ILE A 285 -4.53 -2.35 16.69
N ILE A 285 -4.51 -2.29 16.69
CA ILE A 285 -3.22 -1.81 16.31
CA ILE A 285 -3.21 -1.68 16.45
C ILE A 285 -3.38 -0.46 15.63
C ILE A 285 -3.30 -0.43 15.57
N ALA A 286 -4.15 -0.46 14.55
CA ALA A 286 -4.43 0.75 13.77
C ALA A 286 -4.96 1.86 14.67
N GLU A 287 -5.83 1.51 15.60
N GLU A 287 -5.86 1.53 15.59
CA GLU A 287 -6.44 2.50 16.51
CA GLU A 287 -6.41 2.55 16.47
C GLU A 287 -5.38 3.13 17.40
C GLU A 287 -5.32 3.16 17.33
N ARG A 288 -4.45 2.32 17.88
CA ARG A 288 -3.38 2.82 18.72
C ARG A 288 -2.47 3.80 17.96
N VAL A 289 -2.12 3.44 16.72
CA VAL A 289 -1.31 4.32 15.91
C VAL A 289 -2.07 5.63 15.63
N ARG A 290 -3.34 5.52 15.26
CA ARG A 290 -4.19 6.68 14.98
C ARG A 290 -4.18 7.62 16.19
N ARG A 291 -4.35 7.06 17.38
CA ARG A 291 -4.45 7.86 18.59
C ARG A 291 -3.12 8.45 19.03
N GLU A 292 -2.07 7.64 19.03
CA GLU A 292 -0.78 8.04 19.60
C GLU A 292 0.06 8.87 18.64
N ALA A 293 -0.18 8.74 17.33
CA ALA A 293 0.46 9.61 16.35
C ALA A 293 -0.46 10.71 15.85
N LYS A 294 -1.75 10.65 16.21
CA LYS A 294 -2.73 11.66 15.80
C LYS A 294 -2.78 11.84 14.29
N LEU A 295 -2.94 10.72 13.61
CA LEU A 295 -2.86 10.67 12.17
C LEU A 295 -3.99 9.78 11.64
N PRO A 296 -4.67 10.17 10.54
CA PRO A 296 -5.66 9.27 9.97
C PRO A 296 -5.02 7.97 9.51
N VAL A 297 -5.77 6.87 9.57
CA VAL A 297 -5.26 5.57 9.16
C VAL A 297 -6.26 4.77 8.36
N THR A 298 -5.73 3.81 7.59
CA THR A 298 -6.49 2.68 7.10
C THR A 298 -5.75 1.42 7.49
N SER A 299 -6.45 0.29 7.37
CA SER A 299 -5.81 -1.00 7.48
C SER A 299 -6.64 -2.01 6.71
N ALA A 300 -6.21 -3.27 6.75
N ALA A 300 -6.19 -3.26 6.69
CA ALA A 300 -6.75 -4.32 5.92
CA ALA A 300 -6.77 -4.30 5.88
C ALA A 300 -6.65 -5.67 6.65
C ALA A 300 -6.53 -5.60 6.65
N TRP A 301 -7.35 -6.66 6.08
N TRP A 301 -6.47 -6.72 5.93
CA TRP A 301 -7.36 -8.06 6.47
CA TRP A 301 -6.20 -8.05 6.49
C TRP A 301 -8.65 -8.44 7.19
C TRP A 301 -7.33 -8.57 7.35
N GLY A 302 -9.66 -8.88 6.45
N GLY A 302 -8.55 -8.58 6.79
CA GLY A 302 -10.87 -9.36 7.08
CA GLY A 302 -9.69 -9.15 7.47
C GLY A 302 -12.05 -8.39 7.05
C GLY A 302 -10.84 -8.21 7.76
N PHE A 303 -11.88 -7.20 6.49
N PHE A 303 -10.96 -7.03 7.16
CA PHE A 303 -12.96 -6.21 6.53
CA PHE A 303 -12.13 -6.15 7.34
C PHE A 303 -13.98 -6.40 5.42
C PHE A 303 -13.20 -6.32 6.26
N GLY A 304 -13.85 -7.48 4.66
N GLY A 304 -13.07 -7.35 5.42
CA GLY A 304 -14.81 -7.83 3.63
CA GLY A 304 -13.92 -7.50 4.25
C GLY A 304 -16.19 -8.19 4.17
C GLY A 304 -15.29 -8.13 4.43
N THR A 305 -16.29 -8.37 5.48
N THR A 305 -16.02 -7.67 5.44
CA THR A 305 -17.60 -8.54 6.09
CA THR A 305 -17.46 -7.88 5.50
C THR A 305 -18.14 -7.15 6.38
C THR A 305 -18.06 -6.53 5.85
N PRO A 306 -19.22 -6.73 5.69
N PRO A 306 -19.32 -6.29 5.43
CA PRO A 306 -19.65 -5.33 5.75
CA PRO A 306 -19.88 -4.95 5.68
C PRO A 306 -19.86 -4.77 7.15
C PRO A 306 -19.96 -4.60 7.18
N GLN A 307 -20.47 -5.53 8.06
N GLN A 307 -20.20 -5.59 8.03
CA GLN A 307 -20.73 -5.03 9.40
CA GLN A 307 -20.33 -5.34 9.46
C GLN A 307 -19.45 -4.81 10.19
C GLN A 307 -18.98 -5.06 10.12
N LEU A 308 -18.37 -5.47 9.78
N LEU A 308 -17.95 -5.81 9.77
CA LEU A 308 -17.09 -5.33 10.45
CA LEU A 308 -16.60 -5.53 10.27
C LEU A 308 -16.38 -4.04 9.97
C LEU A 308 -16.15 -4.13 9.90
N ALA A 309 -16.42 -3.77 8.66
CA ALA A 309 -16.00 -2.48 8.13
C ALA A 309 -16.72 -1.37 8.88
N GLU A 310 -18.04 -1.49 9.01
CA GLU A 310 -18.86 -0.48 9.67
C GLU A 310 -18.44 -0.34 11.14
N ALA A 311 -18.23 -1.46 11.81
CA ALA A 311 -17.85 -1.42 13.24
C ALA A 311 -16.49 -0.72 13.44
N ALA A 312 -15.53 -0.98 12.57
CA ALA A 312 -14.21 -0.38 12.71
C ALA A 312 -14.30 1.14 12.59
N LEU A 313 -15.12 1.62 11.66
CA LEU A 313 -15.31 3.06 11.48
C LEU A 313 -16.03 3.68 12.67
N GLN A 314 -17.11 3.05 13.12
CA GLN A 314 -17.86 3.63 14.22
C GLN A 314 -17.04 3.70 15.52
N ALA A 315 -16.11 2.77 15.69
CA ALA A 315 -15.21 2.72 16.84
C ALA A 315 -14.02 3.67 16.68
N ASN A 316 -13.95 4.37 15.56
CA ASN A 316 -12.81 5.24 15.28
C ASN A 316 -11.48 4.50 15.36
N GLN A 317 -11.48 3.25 14.89
CA GLN A 317 -10.22 2.51 14.74
C GLN A 317 -9.54 2.91 13.44
N LEU A 318 -10.35 3.25 12.43
CA LEU A 318 -9.92 3.50 11.06
C LEU A 318 -10.67 4.72 10.55
N ASP A 319 -10.08 5.40 9.57
CA ASP A 319 -10.75 6.46 8.82
C ASP A 319 -11.30 5.96 7.49
N LEU A 320 -10.58 5.01 6.86
CA LEU A 320 -11.00 4.32 5.65
C LEU A 320 -10.80 2.85 5.90
N VAL A 321 -11.68 2.02 5.31
CA VAL A 321 -11.56 0.58 5.44
C VAL A 321 -11.07 0.03 4.10
N SER A 322 -9.91 -0.63 4.11
CA SER A 322 -9.37 -1.25 2.90
C SER A 322 -9.90 -2.66 2.78
N VAL A 323 -10.48 -2.97 1.61
CA VAL A 323 -11.11 -4.26 1.34
C VAL A 323 -10.51 -4.80 0.04
N GLY A 324 -9.67 -5.83 0.16
CA GLY A 324 -8.88 -6.36 -0.95
C GLY A 324 -9.48 -7.58 -1.63
N ARG A 325 -9.30 -8.75 -1.03
CA ARG A 325 -9.72 -10.00 -1.67
C ARG A 325 -11.19 -10.06 -1.98
N ALA A 326 -12.03 -9.46 -1.13
CA ALA A 326 -13.47 -9.46 -1.43
C ALA A 326 -13.79 -8.77 -2.77
N HIS A 327 -12.95 -7.81 -3.17
CA HIS A 327 -13.12 -7.13 -4.46
C HIS A 327 -12.59 -7.97 -5.65
N LEU A 328 -11.64 -8.88 -5.41
CA LEU A 328 -11.27 -9.84 -6.44
C LEU A 328 -12.41 -10.84 -6.65
N ALA A 329 -13.05 -11.27 -5.57
CA ALA A 329 -14.19 -12.17 -5.67
C ALA A 329 -15.38 -11.48 -6.35
N ASP A 330 -15.67 -10.23 -5.97
CA ASP A 330 -16.81 -9.49 -6.46
C ASP A 330 -16.38 -8.03 -6.66
N PRO A 331 -16.17 -7.60 -7.91
CA PRO A 331 -15.71 -6.21 -8.06
CA PRO A 331 -15.76 -6.22 -8.18
C PRO A 331 -16.77 -5.20 -7.70
N HIS A 332 -18.03 -5.63 -7.51
CA HIS A 332 -19.10 -4.77 -7.04
C HIS A 332 -19.34 -4.93 -5.53
N TRP A 333 -18.30 -5.29 -4.77
CA TRP A 333 -18.47 -5.48 -3.35
C TRP A 333 -19.11 -4.26 -2.66
N ALA A 334 -18.76 -3.04 -3.08
CA ALA A 334 -19.31 -1.86 -2.43
C ALA A 334 -20.85 -1.85 -2.52
N TYR A 335 -21.41 -2.31 -3.64
CA TYR A 335 -22.85 -2.44 -3.79
C TYR A 335 -23.40 -3.49 -2.83
N PHE A 336 -22.73 -4.64 -2.76
CA PHE A 336 -23.09 -5.67 -1.78
C PHE A 336 -23.10 -5.13 -0.36
N ALA A 337 -22.07 -4.37 0.00
CA ALA A 337 -22.01 -3.77 1.33
C ALA A 337 -23.15 -2.78 1.59
N ALA A 338 -23.47 -1.96 0.58
CA ALA A 338 -24.57 -1.00 0.73
C ALA A 338 -25.88 -1.73 1.01
N LYS A 339 -26.13 -2.80 0.25
CA LYS A 339 -27.34 -3.59 0.48
C LYS A 339 -27.36 -4.17 1.89
N GLU A 340 -26.24 -4.77 2.31
N GLU A 340 -26.22 -4.74 2.32
CA GLU A 340 -26.17 -5.44 3.61
CA GLU A 340 -26.13 -5.45 3.59
C GLU A 340 -26.42 -4.47 4.75
C GLU A 340 -26.29 -4.51 4.78
N LEU A 341 -25.90 -3.24 4.61
CA LEU A 341 -26.00 -2.24 5.66
C LEU A 341 -27.30 -1.45 5.57
N GLY A 342 -28.11 -1.72 4.57
CA GLY A 342 -29.43 -1.12 4.48
C GLY A 342 -29.41 0.33 4.03
N VAL A 343 -28.39 0.69 3.26
CA VAL A 343 -28.26 2.01 2.71
C VAL A 343 -29.40 2.28 1.74
N GLU A 344 -29.97 3.48 1.78
CA GLU A 344 -31.06 3.84 0.88
CA GLU A 344 -31.07 3.79 0.87
C GLU A 344 -30.54 3.90 -0.56
N LYS A 345 -31.36 3.44 -1.49
N LYS A 345 -31.35 3.42 -1.49
CA LYS A 345 -31.01 3.40 -2.91
CA LYS A 345 -31.01 3.41 -2.91
C LYS A 345 -29.63 2.77 -3.07
C LYS A 345 -29.65 2.74 -3.13
N ALA A 346 -29.48 1.59 -2.46
CA ALA A 346 -28.21 0.88 -2.49
C ALA A 346 -27.72 0.60 -3.90
N SER A 347 -28.63 0.31 -4.84
CA SER A 347 -28.18 -0.04 -6.18
C SER A 347 -27.47 1.12 -6.87
N TRP A 348 -27.75 2.35 -6.43
CA TRP A 348 -27.13 3.52 -7.03
C TRP A 348 -25.71 3.78 -6.51
N THR A 349 -25.18 2.82 -5.75
CA THR A 349 -23.73 2.68 -5.57
CA THR A 349 -23.75 2.67 -5.56
C THR A 349 -23.07 2.41 -6.91
N LEU A 350 -23.82 1.75 -7.81
CA LEU A 350 -23.37 1.40 -9.16
C LEU A 350 -23.83 2.45 -10.17
N PRO A 351 -23.23 2.49 -11.38
CA PRO A 351 -23.70 3.43 -12.42
C PRO A 351 -25.08 3.03 -12.94
N ALA A 352 -25.77 3.98 -13.57
CA ALA A 352 -27.15 3.82 -14.03
C ALA A 352 -27.44 2.54 -14.83
N PRO A 353 -26.55 2.14 -15.78
CA PRO A 353 -26.89 0.94 -16.57
C PRO A 353 -26.94 -0.33 -15.77
N TYR A 354 -26.45 -0.31 -14.52
CA TYR A 354 -26.65 -1.42 -13.61
C TYR A 354 -27.73 -1.05 -12.56
N ALA A 355 -27.59 0.13 -11.96
CA ALA A 355 -28.43 0.54 -10.83
C ALA A 355 -29.92 0.52 -11.12
N HIS A 356 -30.30 0.94 -12.32
CA HIS A 356 -31.72 1.04 -12.65
C HIS A 356 -32.41 -0.32 -12.49
N TRP A 357 -31.70 -1.39 -12.87
CA TRP A 357 -32.28 -2.75 -12.93
C TRP A 357 -32.23 -3.48 -11.63
N LEU A 358 -31.39 -3.01 -10.73
CA LEU A 358 -31.17 -3.68 -9.46
C LEU A 358 -31.94 -3.04 -8.31
N GLU A 359 -32.60 -1.91 -8.55
CA GLU A 359 -33.43 -1.28 -7.54
C GLU A 359 -34.42 -2.33 -7.12
N ARG A 360 -34.50 -2.59 -5.82
CA ARG A 360 -35.45 -3.59 -5.31
C ARG A 360 -36.54 -2.90 -4.51
C9A FNR B . -1.86 -7.82 -1.98
N10 FNR B . -1.37 -6.92 -0.98
CAA FNR B . -0.51 -5.89 -1.40
N1 FNR B . -0.17 -4.95 -0.49
C2 FNR B . 0.53 -3.85 -0.90
O2 FNR B . 0.89 -2.98 -0.06
N3 FNR B . 0.91 -3.74 -2.23
C4 FNR B . 0.48 -4.61 -3.19
O4 FNR B . 0.64 -4.35 -4.41
C4A FNR B . -0.07 -5.83 -2.73
N5 FNR B . -0.33 -6.90 -3.63
C5A FNR B . -1.34 -7.81 -3.28
C6 FNR B . -1.90 -8.68 -4.26
C7 FNR B . -3.00 -9.49 -3.95
C7M FNR B . -3.62 -10.24 -5.06
C8 FNR B . -3.43 -9.58 -2.62
C8M FNR B . -4.59 -10.45 -2.26
C9 FNR B . -2.84 -8.80 -1.63
C1' FNR B . -2.06 -6.80 0.33
C2' FNR B . -3.44 -6.16 0.18
O2' FNR B . -3.34 -4.75 -0.09
C3' FNR B . -4.27 -6.34 1.47
O3' FNR B . -3.55 -5.80 2.59
C4' FNR B . -4.61 -7.79 1.78
O4' FNR B . -5.28 -8.35 0.64
C5' FNR B . -5.47 -7.92 3.04
O5' FNR B . -6.77 -7.33 2.88
P FNR B . -8.07 -8.29 2.61
O1P FNR B . -7.75 -9.04 1.34
O2P FNR B . -8.19 -9.22 3.80
O3P FNR B . -9.22 -7.34 2.44
H3 FNR B . 1.56 -2.97 -2.51
H5 FNR B . 0.35 -7.15 -4.37
H7 FNR B . -1.46 -8.71 -5.25
H7M1 FNR B . -4.42 -9.67 -5.46
H7M2 FNR B . -4.00 -11.16 -4.70
H7M3 FNR B . -2.91 -10.41 -5.81
H8M1 FNR B . -4.37 -11.46 -2.52
H8M2 FNR B . -4.78 -10.40 -1.22
H8M3 FNR B . -5.45 -10.14 -2.79
H9 FNR B . -3.11 -8.94 -0.59
H1'1 FNR B . -1.44 -6.20 1.01
H1'2 FNR B . -2.16 -7.80 0.78
H6 FNR B . -3.97 -6.66 -0.64
H2' FNR B . -2.75 -4.62 -0.84
H4 FNR B . -5.21 -5.78 1.35
H3' FNR B . -3.25 -4.89 2.37
H2 FNR B . -3.67 -8.34 1.95
H4' FNR B . -4.75 -8.18 -0.16
H5'1 FNR B . -4.95 -7.44 3.87
H5'2 FNR B . -5.58 -8.98 3.30
O11 07L C . 3.01 -5.64 -0.77
C9 07L C . 2.71 -6.65 -1.32
C8 07L C . 2.87 -7.14 -2.62
C7 07L C . 2.36 -8.38 -3.00
C2 07L C . 1.65 -9.12 -2.07
O10 07L C . 2.05 -7.44 -0.40
C3 07L C . 1.50 -8.65 -0.76
C4 07L C . 0.81 -9.32 0.23
C5 07L C . 0.25 -10.56 -0.06
O12 07L C . -0.43 -11.26 0.89
C6 07L C . 0.38 -11.06 -1.34
C1 07L C . 1.07 -10.36 -2.33
H1 07L C . 3.41 -6.55 -3.34
H2 07L C . 2.49 -8.74 -4.02
H3 07L C . 0.72 -8.90 1.22
H4 07L C . 0.16 -11.46 1.64
H5 07L C . -0.03 -12.04 -1.57
H6 07L C . 1.17 -10.80 -3.31
S SO4 D . -32.22 -0.65 -3.35
O1 SO4 D . -33.19 0.18 -4.04
O2 SO4 D . -31.01 -0.81 -4.13
O3 SO4 D . -31.96 -0.05 -2.04
O4 SO4 D . -32.86 -1.95 -3.11
S SO4 E . 7.78 -14.02 -17.87
O1 SO4 E . 7.80 -15.13 -18.80
O2 SO4 E . 8.98 -13.19 -18.11
O3 SO4 E . 7.72 -14.55 -16.51
O4 SO4 E . 6.58 -13.21 -18.10
S SO4 F . 18.32 -9.99 14.53
O1 SO4 F . 17.80 -8.62 14.61
O2 SO4 F . 19.67 -9.97 13.97
O3 SO4 F . 18.34 -10.63 15.84
O4 SO4 F . 17.44 -10.76 13.63
S SO4 G . 18.58 13.20 12.52
O1 SO4 G . 18.54 13.73 11.17
O2 SO4 G . 19.83 12.47 12.72
O3 SO4 G . 18.48 14.29 13.48
O4 SO4 G . 17.42 12.30 12.70
#